data_8BFC
#
_entry.id   8BFC
#
_cell.length_a   82.366
_cell.length_b   112.395
_cell.length_c   62.680
_cell.angle_alpha   90.000
_cell.angle_beta   90.000
_cell.angle_gamma   90.000
#
_symmetry.space_group_name_H-M   'C 2 2 21'
#
loop_
_entity.id
_entity.type
_entity.pdbx_description
1 polymer '14-3-3 protein sigma'
2 polymer 'Rho-related GTP-binding protein RhoE'
3 non-polymer 'MAGNESIUM ION'
4 non-polymer 'CHLORIDE ION'
5 water water
#
loop_
_entity_poly.entity_id
_entity_poly.type
_entity_poly.pdbx_seq_one_letter_code
_entity_poly.pdbx_strand_id
1 'polypeptide(L)'
;GAMGSMERASLIQKAKLAEQAERYEDMAAFMKGAVEKGEELSNEERNLLSVAYKNVVGGQRAAWRVLSSIEQKSNEEGSE
EKGPEVREYREKVETELQGVCDTVLGLLDSHLIKEAGDAESRVFYLKMKGDYYRYLAEVATGDDKKRIIDSARSAYQEAM
DISKKEMPPTNPIRLGLALNFSVFHYEIANSPEEAISLAKTTFDEAMADLHTLSEDSYKDSTLIMQLLRDNLTLWT
;
A
2 'polypeptide(L)' TDLRKDKAK(SEP)CTVM B
#
loop_
_chem_comp.id
_chem_comp.type
_chem_comp.name
_chem_comp.formula
CL non-polymer 'CHLORIDE ION' 'Cl -1'
MG non-polymer 'MAGNESIUM ION' 'Mg 2'
#
# COMPACT_ATOMS: atom_id res chain seq x y z
N GLY A 1 -14.36 -19.05 8.90
CA GLY A 1 -14.14 -18.40 7.62
C GLY A 1 -14.71 -19.21 6.49
N ALA A 2 -15.35 -18.53 5.53
CA ALA A 2 -16.01 -19.21 4.42
C ALA A 2 -15.02 -19.96 3.52
N MET A 3 -13.72 -19.63 3.57
CA MET A 3 -12.71 -20.36 2.83
C MET A 3 -12.06 -21.50 3.60
N GLY A 4 -12.51 -21.78 4.83
CA GLY A 4 -11.85 -22.78 5.64
C GLY A 4 -11.89 -24.18 5.07
N SER A 5 -12.88 -24.47 4.24
N SER A 5 -12.88 -24.47 4.24
CA SER A 5 -13.02 -25.80 3.66
CA SER A 5 -13.03 -25.80 3.64
C SER A 5 -12.31 -25.96 2.32
C SER A 5 -12.31 -25.97 2.31
N MET A 6 -11.72 -24.91 1.76
CA MET A 6 -11.08 -25.00 0.47
C MET A 6 -9.57 -25.21 0.63
N GLU A 7 -8.99 -26.08 -0.18
CA GLU A 7 -7.56 -26.34 -0.15
C GLU A 7 -6.78 -25.06 -0.41
N ARG A 8 -5.63 -24.93 0.25
CA ARG A 8 -4.75 -23.80 0.01
C ARG A 8 -4.42 -23.63 -1.47
N ALA A 9 -4.06 -24.72 -2.15
CA ALA A 9 -3.65 -24.59 -3.54
C ALA A 9 -4.82 -24.15 -4.41
N SER A 10 -6.04 -24.61 -4.09
CA SER A 10 -7.23 -24.20 -4.83
C SER A 10 -7.54 -22.72 -4.62
N LEU A 11 -7.31 -22.22 -3.41
CA LEU A 11 -7.52 -20.79 -3.16
C LEU A 11 -6.55 -19.97 -3.99
N ILE A 12 -5.29 -20.39 -4.04
N ILE A 12 -5.30 -20.41 -4.11
CA ILE A 12 -4.29 -19.70 -4.86
CA ILE A 12 -4.34 -19.63 -4.89
C ILE A 12 -4.71 -19.73 -6.33
C ILE A 12 -4.64 -19.74 -6.38
N GLN A 13 -5.05 -20.92 -6.84
CA GLN A 13 -5.51 -21.06 -8.22
C GLN A 13 -6.67 -20.12 -8.52
N LYS A 14 -7.66 -20.06 -7.61
CA LYS A 14 -8.82 -19.21 -7.85
C LYS A 14 -8.47 -17.74 -7.73
N ALA A 15 -7.53 -17.37 -6.86
CA ALA A 15 -7.09 -15.98 -6.81
C ALA A 15 -6.53 -15.55 -8.16
N LYS A 16 -5.80 -16.44 -8.84
CA LYS A 16 -5.22 -16.09 -10.13
C LYS A 16 -6.32 -15.98 -11.19
N LEU A 17 -7.33 -16.84 -11.12
CA LEU A 17 -8.47 -16.73 -12.04
C LEU A 17 -9.23 -15.42 -11.79
N ALA A 18 -9.44 -15.08 -10.52
CA ALA A 18 -10.13 -13.84 -10.18
C ALA A 18 -9.38 -12.63 -10.71
N GLU A 19 -8.04 -12.64 -10.60
CA GLU A 19 -7.25 -11.56 -11.21
C GLU A 19 -7.53 -11.45 -12.71
N GLN A 20 -7.51 -12.57 -13.41
CA GLN A 20 -7.75 -12.54 -14.86
C GLN A 20 -9.12 -12.00 -15.19
N ALA A 21 -10.11 -12.26 -14.34
CA ALA A 21 -11.47 -11.79 -14.54
C ALA A 21 -11.72 -10.42 -13.93
N GLU A 22 -10.69 -9.76 -13.39
N GLU A 22 -10.70 -9.80 -13.33
CA GLU A 22 -10.83 -8.48 -12.70
CA GLU A 22 -10.80 -8.46 -12.71
C GLU A 22 -11.93 -8.52 -11.64
C GLU A 22 -11.75 -8.43 -11.51
N ARG A 23 -11.91 -9.58 -10.85
CA ARG A 23 -12.81 -9.76 -9.72
C ARG A 23 -11.97 -9.64 -8.44
N TYR A 24 -11.61 -8.42 -8.09
CA TYR A 24 -10.61 -8.22 -7.06
C TYR A 24 -11.13 -8.45 -5.66
N GLU A 25 -12.43 -8.22 -5.41
CA GLU A 25 -13.00 -8.60 -4.13
C GLU A 25 -12.90 -10.11 -3.93
N ASP A 26 -13.25 -10.90 -4.95
CA ASP A 26 -13.07 -12.34 -4.85
C ASP A 26 -11.61 -12.69 -4.65
N MET A 27 -10.73 -12.08 -5.44
CA MET A 27 -9.29 -12.30 -5.28
C MET A 27 -8.82 -12.10 -3.87
N ALA A 28 -9.25 -11.00 -3.25
CA ALA A 28 -8.84 -10.72 -1.87
C ALA A 28 -9.38 -11.76 -0.91
N ALA A 29 -10.65 -12.18 -1.08
CA ALA A 29 -11.20 -13.20 -0.20
C ALA A 29 -10.47 -14.53 -0.35
N PHE A 30 -10.11 -14.92 -1.57
CA PHE A 30 -9.34 -16.15 -1.76
C PHE A 30 -7.98 -16.04 -1.07
N MET A 31 -7.31 -14.90 -1.22
CA MET A 31 -5.98 -14.77 -0.66
C MET A 31 -6.02 -14.66 0.86
N LYS A 32 -7.05 -14.00 1.43
CA LYS A 32 -7.24 -14.06 2.88
C LYS A 32 -7.40 -15.50 3.36
N GLY A 33 -8.21 -16.29 2.65
CA GLY A 33 -8.34 -17.68 3.00
C GLY A 33 -7.01 -18.42 2.94
N ALA A 34 -6.20 -18.14 1.92
CA ALA A 34 -4.88 -18.78 1.84
C ALA A 34 -3.98 -18.38 2.99
N VAL A 35 -3.95 -17.10 3.35
CA VAL A 35 -3.14 -16.68 4.50
C VAL A 35 -3.57 -17.41 5.76
N GLU A 36 -4.89 -17.53 5.95
CA GLU A 36 -5.41 -18.12 7.17
C GLU A 36 -5.13 -19.62 7.28
N LYS A 37 -4.62 -20.26 6.23
CA LYS A 37 -4.15 -21.62 6.38
C LYS A 37 -2.95 -21.71 7.32
N GLY A 38 -2.24 -20.60 7.55
CA GLY A 38 -1.19 -20.56 8.55
C GLY A 38 0.21 -20.81 8.03
N GLU A 39 0.36 -21.19 6.76
CA GLU A 39 1.69 -21.33 6.18
C GLU A 39 2.20 -19.99 5.68
N GLU A 40 3.52 -19.84 5.67
CA GLU A 40 4.14 -18.67 5.06
C GLU A 40 3.81 -18.60 3.57
N LEU A 41 3.90 -17.40 3.02
N LEU A 41 3.92 -17.40 3.02
CA LEU A 41 3.60 -17.15 1.61
CA LEU A 41 3.60 -17.16 1.61
C LEU A 41 4.89 -17.06 0.80
C LEU A 41 4.88 -17.05 0.80
N SER A 42 4.85 -17.60 -0.42
CA SER A 42 5.94 -17.42 -1.36
C SER A 42 5.93 -16.00 -1.92
N ASN A 43 6.98 -15.67 -2.68
CA ASN A 43 7.04 -14.36 -3.32
C ASN A 43 5.81 -14.11 -4.21
N GLU A 44 5.47 -15.09 -5.04
CA GLU A 44 4.33 -14.93 -5.93
C GLU A 44 3.04 -14.76 -5.14
N GLU A 45 2.88 -15.53 -4.06
CA GLU A 45 1.67 -15.45 -3.26
C GLU A 45 1.56 -14.10 -2.54
N ARG A 46 2.67 -13.56 -2.04
CA ARG A 46 2.64 -12.24 -1.41
C ARG A 46 2.18 -11.21 -2.41
N ASN A 47 2.68 -11.29 -3.65
N ASN A 47 2.62 -11.30 -3.66
CA ASN A 47 2.25 -10.37 -4.70
CA ASN A 47 2.21 -10.32 -4.65
C ASN A 47 0.75 -10.50 -4.95
C ASN A 47 0.77 -10.51 -5.09
N LEU A 48 0.22 -11.72 -4.98
CA LEU A 48 -1.21 -11.88 -5.21
C LEU A 48 -2.01 -11.24 -4.11
N LEU A 49 -1.59 -11.42 -2.86
CA LEU A 49 -2.27 -10.79 -1.73
C LEU A 49 -2.26 -9.28 -1.89
N SER A 50 -1.09 -8.71 -2.24
N SER A 50 -1.10 -8.71 -2.25
CA SER A 50 -0.95 -7.26 -2.34
CA SER A 50 -0.99 -7.25 -2.32
C SER A 50 -1.80 -6.72 -3.48
C SER A 50 -1.79 -6.69 -3.49
N VAL A 51 -1.76 -7.35 -4.66
CA VAL A 51 -2.54 -6.86 -5.81
C VAL A 51 -4.02 -6.85 -5.47
N ALA A 52 -4.49 -7.91 -4.82
CA ALA A 52 -5.92 -8.05 -4.56
C ALA A 52 -6.41 -6.91 -3.70
N TYR A 53 -5.76 -6.72 -2.55
CA TYR A 53 -6.20 -5.69 -1.61
C TYR A 53 -5.93 -4.28 -2.13
N LYS A 54 -4.86 -4.09 -2.91
CA LYS A 54 -4.60 -2.77 -3.47
C LYS A 54 -5.73 -2.35 -4.39
N ASN A 55 -6.24 -3.27 -5.19
CA ASN A 55 -7.33 -2.95 -6.09
C ASN A 55 -8.63 -2.71 -5.33
N VAL A 56 -8.91 -3.53 -4.31
CA VAL A 56 -10.12 -3.31 -3.53
C VAL A 56 -10.08 -1.94 -2.85
N VAL A 57 -9.05 -1.68 -2.06
N VAL A 57 -9.02 -1.67 -2.11
CA VAL A 57 -9.00 -0.38 -1.39
CA VAL A 57 -8.94 -0.41 -1.37
C VAL A 57 -8.88 0.75 -2.38
C VAL A 57 -8.76 0.76 -2.32
N GLY A 58 -8.19 0.53 -3.50
CA GLY A 58 -8.04 1.61 -4.47
C GLY A 58 -9.38 2.11 -4.97
N GLY A 59 -10.32 1.19 -5.23
CA GLY A 59 -11.65 1.62 -5.61
C GLY A 59 -12.36 2.36 -4.49
N GLN A 60 -12.19 1.89 -3.25
CA GLN A 60 -12.83 2.57 -2.13
C GLN A 60 -12.25 3.97 -1.93
N ARG A 61 -10.92 4.09 -2.05
CA ARG A 61 -10.28 5.40 -1.89
C ARG A 61 -10.75 6.37 -2.96
N ALA A 62 -10.88 5.90 -4.20
CA ALA A 62 -11.33 6.79 -5.26
C ALA A 62 -12.77 7.25 -5.00
N ALA A 63 -13.63 6.33 -4.55
CA ALA A 63 -15.01 6.70 -4.25
C ALA A 63 -15.07 7.66 -3.07
N TRP A 64 -14.27 7.40 -2.04
CA TRP A 64 -14.24 8.28 -0.87
C TRP A 64 -13.85 9.69 -1.26
N ARG A 65 -12.88 9.83 -2.17
N ARG A 65 -12.87 9.83 -2.15
CA ARG A 65 -12.44 11.16 -2.57
CA ARG A 65 -12.45 11.17 -2.56
C ARG A 65 -13.51 11.90 -3.36
C ARG A 65 -13.58 11.89 -3.29
N VAL A 66 -14.30 11.18 -4.17
CA VAL A 66 -15.41 11.81 -4.88
C VAL A 66 -16.45 12.34 -3.89
N LEU A 67 -16.81 11.49 -2.93
CA LEU A 67 -17.84 11.85 -1.95
C LEU A 67 -17.37 12.94 -1.01
N SER A 68 -16.10 12.88 -0.61
N SER A 68 -16.09 12.89 -0.61
CA SER A 68 -15.55 13.91 0.27
CA SER A 68 -15.55 13.92 0.27
C SER A 68 -15.54 15.28 -0.42
C SER A 68 -15.55 15.28 -0.42
N SER A 69 -15.23 15.31 -1.72
CA SER A 69 -15.25 16.57 -2.45
C SER A 69 -16.66 17.13 -2.54
N ILE A 70 -17.65 16.27 -2.79
CA ILE A 70 -19.04 16.72 -2.83
C ILE A 70 -19.45 17.27 -1.48
N GLU A 71 -19.07 16.57 -0.40
CA GLU A 71 -19.40 17.02 0.94
C GLU A 71 -18.76 18.37 1.24
N GLN A 72 -17.50 18.55 0.85
CA GLN A 72 -16.82 19.82 1.14
C GLN A 72 -17.48 20.96 0.39
N LYS A 73 -17.93 20.72 -0.84
CA LYS A 73 -18.64 21.76 -1.58
C LYS A 73 -19.98 22.07 -0.94
N SER A 74 -20.65 21.05 -0.38
CA SER A 74 -21.91 21.28 0.31
C SER A 74 -21.74 22.21 1.50
N ASN A 75 -20.52 22.35 2.03
CA ASN A 75 -20.26 23.18 3.19
C ASN A 75 -19.62 24.53 2.82
N GLU A 76 -19.72 24.94 1.56
CA GLU A 76 -19.37 26.30 1.17
C GLU A 76 -20.49 27.26 1.56
N GLU A 77 -20.13 28.53 1.69
CA GLU A 77 -21.14 29.58 1.77
C GLU A 77 -21.92 29.63 0.46
N GLY A 78 -23.24 29.82 0.57
CA GLY A 78 -24.10 29.86 -0.59
C GLY A 78 -24.58 28.51 -1.08
N SER A 79 -24.06 27.42 -0.53
CA SER A 79 -24.50 26.09 -0.92
C SER A 79 -25.83 25.78 -0.23
N GLU A 80 -26.76 25.24 -1.00
CA GLU A 80 -28.08 24.91 -0.46
C GLU A 80 -27.99 23.68 0.44
N GLU A 81 -28.75 23.70 1.53
CA GLU A 81 -28.77 22.57 2.45
C GLU A 81 -29.51 21.40 1.81
N LYS A 82 -28.86 20.23 1.78
CA LYS A 82 -29.43 19.06 1.12
C LYS A 82 -29.66 17.90 2.07
N GLY A 83 -29.46 18.10 3.37
CA GLY A 83 -29.71 17.06 4.34
C GLY A 83 -28.48 16.23 4.64
N PRO A 84 -28.68 15.14 5.37
CA PRO A 84 -27.56 14.33 5.87
C PRO A 84 -27.03 13.29 4.89
N GLU A 85 -27.61 13.19 3.69
CA GLU A 85 -27.33 12.04 2.82
C GLU A 85 -25.88 11.98 2.37
N VAL A 86 -25.28 13.12 2.00
CA VAL A 86 -23.90 13.09 1.51
C VAL A 86 -22.96 12.61 2.60
N ARG A 87 -23.10 13.17 3.80
CA ARG A 87 -22.28 12.74 4.92
C ARG A 87 -22.52 11.27 5.23
N GLU A 88 -23.78 10.83 5.24
CA GLU A 88 -24.07 9.45 5.57
C GLU A 88 -23.41 8.50 4.58
N TYR A 89 -23.51 8.80 3.29
CA TYR A 89 -22.95 7.89 2.30
C TYR A 89 -21.41 7.94 2.31
N ARG A 90 -20.83 9.13 2.49
CA ARG A 90 -19.38 9.19 2.65
C ARG A 90 -18.93 8.38 3.85
N GLU A 91 -19.68 8.44 4.96
CA GLU A 91 -19.36 7.63 6.14
C GLU A 91 -19.49 6.14 5.85
N LYS A 92 -20.49 5.75 5.05
CA LYS A 92 -20.64 4.34 4.71
C LYS A 92 -19.42 3.83 3.95
N VAL A 93 -19.02 4.56 2.92
CA VAL A 93 -17.84 4.17 2.14
C VAL A 93 -16.60 4.18 3.03
N GLU A 94 -16.47 5.21 3.88
CA GLU A 94 -15.32 5.31 4.78
C GLU A 94 -15.24 4.10 5.70
N THR A 95 -16.38 3.69 6.26
CA THR A 95 -16.38 2.57 7.20
C THR A 95 -15.98 1.27 6.49
N GLU A 96 -16.42 1.11 5.23
N GLU A 96 -16.46 1.08 5.25
CA GLU A 96 -16.07 -0.08 4.45
CA GLU A 96 -16.05 -0.10 4.52
C GLU A 96 -14.59 -0.09 4.09
C GLU A 96 -14.55 -0.07 4.26
N LEU A 97 -14.03 1.08 3.81
CA LEU A 97 -12.59 1.21 3.57
C LEU A 97 -11.79 0.88 4.82
N GLN A 98 -12.19 1.45 5.95
CA GLN A 98 -11.51 1.16 7.21
C GLN A 98 -11.57 -0.31 7.53
N GLY A 99 -12.70 -0.96 7.22
CA GLY A 99 -12.82 -2.39 7.45
C GLY A 99 -11.83 -3.20 6.64
N VAL A 100 -11.62 -2.81 5.38
CA VAL A 100 -10.65 -3.53 4.57
C VAL A 100 -9.24 -3.31 5.11
N CYS A 101 -8.91 -2.07 5.50
CA CYS A 101 -7.59 -1.82 6.06
C CYS A 101 -7.38 -2.63 7.34
N ASP A 102 -8.39 -2.69 8.21
CA ASP A 102 -8.28 -3.47 9.43
C ASP A 102 -8.10 -4.95 9.13
N THR A 103 -8.76 -5.43 8.07
CA THR A 103 -8.59 -6.84 7.69
C THR A 103 -7.15 -7.12 7.29
N VAL A 104 -6.58 -6.27 6.43
CA VAL A 104 -5.20 -6.46 6.00
C VAL A 104 -4.26 -6.37 7.19
N LEU A 105 -4.42 -5.32 8.01
CA LEU A 105 -3.55 -5.18 9.18
C LEU A 105 -3.68 -6.39 10.11
N GLY A 106 -4.88 -6.96 10.20
CA GLY A 106 -5.06 -8.13 11.04
C GLY A 106 -4.32 -9.34 10.50
N LEU A 107 -4.31 -9.52 9.18
CA LEU A 107 -3.54 -10.62 8.60
C LEU A 107 -2.05 -10.44 8.84
N LEU A 108 -1.57 -9.20 8.71
CA LEU A 108 -0.15 -8.93 8.96
C LEU A 108 0.21 -9.21 10.42
N ASP A 109 -0.68 -8.87 11.36
CA ASP A 109 -0.41 -9.08 12.76
C ASP A 109 -0.63 -10.52 13.21
N SER A 110 -1.42 -11.28 12.47
CA SER A 110 -1.81 -12.63 12.90
C SER A 110 -1.79 -13.53 11.67
N HIS A 111 -0.59 -13.98 11.26
CA HIS A 111 0.72 -13.85 11.89
C HIS A 111 1.83 -13.65 10.86
N LEU A 112 1.54 -12.93 9.78
CA LEU A 112 2.49 -12.88 8.66
C LEU A 112 3.82 -12.24 9.08
N ILE A 113 3.78 -11.10 9.77
CA ILE A 113 5.02 -10.40 10.08
C ILE A 113 5.90 -11.21 11.02
N LYS A 114 5.32 -11.77 12.08
CA LYS A 114 6.16 -12.43 13.08
C LYS A 114 6.84 -13.66 12.53
N GLU A 115 6.32 -14.28 11.48
CA GLU A 115 6.95 -15.46 10.90
C GLU A 115 7.91 -15.12 9.77
N ALA A 116 7.98 -13.84 9.35
CA ALA A 116 8.77 -13.45 8.19
C ALA A 116 10.19 -13.09 8.63
N GLY A 117 11.14 -13.95 8.28
CA GLY A 117 12.52 -13.78 8.69
C GLY A 117 13.44 -13.29 7.57
N ASP A 118 13.14 -13.64 6.34
CA ASP A 118 13.98 -13.18 5.24
C ASP A 118 13.66 -11.73 4.96
N ALA A 119 14.68 -10.98 4.50
CA ALA A 119 14.47 -9.56 4.27
C ALA A 119 13.36 -9.31 3.24
N GLU A 120 13.30 -10.13 2.19
CA GLU A 120 12.34 -9.88 1.14
C GLU A 120 10.90 -10.02 1.63
N SER A 121 10.64 -10.97 2.53
CA SER A 121 9.28 -11.09 3.04
C SER A 121 9.02 -10.06 4.11
N ARG A 122 9.96 -9.86 5.03
CA ARG A 122 9.73 -8.95 6.16
C ARG A 122 9.53 -7.51 5.69
N VAL A 123 10.39 -7.05 4.78
CA VAL A 123 10.24 -5.71 4.24
C VAL A 123 8.91 -5.56 3.51
N PHE A 124 8.54 -6.57 2.70
CA PHE A 124 7.28 -6.53 1.99
C PHE A 124 6.11 -6.33 2.94
N TYR A 125 6.07 -7.11 4.03
CA TYR A 125 4.93 -7.04 4.94
C TYR A 125 4.94 -5.74 5.74
N LEU A 126 6.10 -5.28 6.15
CA LEU A 126 6.16 -4.01 6.87
C LEU A 126 5.77 -2.84 5.97
N LYS A 127 6.18 -2.86 4.71
N LYS A 127 6.14 -2.89 4.70
CA LYS A 127 5.70 -1.85 3.78
CA LYS A 127 5.68 -1.91 3.73
C LYS A 127 4.18 -1.87 3.72
C LYS A 127 4.16 -1.95 3.60
N MET A 128 3.60 -3.07 3.57
N MET A 128 3.57 -3.15 3.55
CA MET A 128 2.15 -3.19 3.51
CA MET A 128 2.12 -3.26 3.52
C MET A 128 1.50 -2.64 4.77
C MET A 128 1.51 -2.63 4.76
N LYS A 129 2.09 -2.89 5.94
CA LYS A 129 1.56 -2.33 7.17
C LYS A 129 1.57 -0.81 7.11
N GLY A 130 2.69 -0.22 6.66
CA GLY A 130 2.73 1.21 6.47
C GLY A 130 1.67 1.72 5.50
N ASP A 131 1.49 1.01 4.38
CA ASP A 131 0.52 1.42 3.37
C ASP A 131 -0.89 1.45 3.95
N TYR A 132 -1.29 0.39 4.68
CA TYR A 132 -2.69 0.34 5.12
C TYR A 132 -2.94 1.27 6.30
N TYR A 133 -1.94 1.54 7.15
CA TYR A 133 -2.08 2.66 8.09
C TYR A 133 -2.15 4.00 7.35
N ARG A 134 -1.40 4.16 6.26
CA ARG A 134 -1.49 5.38 5.47
C ARG A 134 -2.88 5.58 4.90
N TYR A 135 -3.52 4.50 4.42
CA TYR A 135 -4.87 4.65 3.89
C TYR A 135 -5.85 4.99 5.01
N LEU A 136 -5.66 4.42 6.21
CA LEU A 136 -6.44 4.86 7.36
C LEU A 136 -6.19 6.33 7.67
N ALA A 137 -4.95 6.79 7.54
CA ALA A 137 -4.64 8.18 7.86
C ALA A 137 -5.29 9.15 6.88
N GLU A 138 -5.49 8.71 5.63
CA GLU A 138 -6.10 9.57 4.62
C GLU A 138 -7.50 10.00 5.03
N VAL A 139 -8.23 9.17 5.78
CA VAL A 139 -9.61 9.45 6.15
C VAL A 139 -9.76 9.82 7.61
N ALA A 140 -8.68 9.80 8.38
CA ALA A 140 -8.75 10.04 9.81
C ALA A 140 -8.91 11.54 10.10
N THR A 141 -9.77 11.86 11.07
CA THR A 141 -10.05 13.23 11.46
C THR A 141 -10.13 13.44 12.96
N GLY A 142 -10.01 12.37 13.76
CA GLY A 142 -10.28 12.47 15.17
C GLY A 142 -9.06 12.38 16.08
N ASP A 143 -9.28 11.95 17.33
CA ASP A 143 -8.26 11.98 18.36
C ASP A 143 -7.19 10.92 18.18
N ASP A 144 -7.41 9.92 17.32
CA ASP A 144 -6.41 8.90 17.05
C ASP A 144 -5.61 9.17 15.79
N LYS A 145 -5.86 10.29 15.09
CA LYS A 145 -5.17 10.56 13.84
C LYS A 145 -3.65 10.56 14.01
N LYS A 146 -3.16 11.24 15.04
CA LYS A 146 -1.72 11.27 15.24
C LYS A 146 -1.15 9.88 15.46
N ARG A 147 -1.88 9.03 16.19
CA ARG A 147 -1.36 7.68 16.42
C ARG A 147 -1.41 6.84 15.16
N ILE A 148 -2.42 7.04 14.31
CA ILE A 148 -2.47 6.30 13.05
C ILE A 148 -1.29 6.69 12.16
N ILE A 149 -1.01 8.01 12.09
CA ILE A 149 0.13 8.48 11.32
C ILE A 149 1.42 7.91 11.87
N ASP A 150 1.56 7.89 13.20
CA ASP A 150 2.78 7.34 13.76
C ASP A 150 2.92 5.84 13.52
N SER A 151 1.80 5.11 13.49
CA SER A 151 1.86 3.69 13.17
C SER A 151 2.35 3.46 11.74
N ALA A 152 1.88 4.27 10.79
CA ALA A 152 2.38 4.16 9.42
C ALA A 152 3.87 4.47 9.38
N ARG A 153 4.28 5.59 10.01
N ARG A 153 4.27 5.59 10.00
CA ARG A 153 5.68 5.98 10.01
CA ARG A 153 5.68 5.98 10.02
C ARG A 153 6.57 4.89 10.60
C ARG A 153 6.56 4.90 10.60
N SER A 154 6.14 4.32 11.73
CA SER A 154 6.96 3.31 12.40
C SER A 154 7.14 2.07 11.55
N ALA A 155 6.07 1.62 10.88
CA ALA A 155 6.19 0.44 10.02
C ALA A 155 7.11 0.73 8.83
N TYR A 156 6.91 1.87 8.17
CA TYR A 156 7.80 2.22 7.07
C TYR A 156 9.26 2.33 7.52
N GLN A 157 9.48 2.92 8.71
CA GLN A 157 10.85 3.14 9.16
C GLN A 157 11.53 1.80 9.45
N GLU A 158 10.82 0.86 10.08
CA GLU A 158 11.41 -0.45 10.31
C GLU A 158 11.73 -1.14 8.99
N ALA A 159 10.83 -1.05 8.01
CA ALA A 159 11.09 -1.63 6.70
C ALA A 159 12.30 -0.98 6.04
N MET A 160 12.42 0.35 6.16
N MET A 160 12.41 0.35 6.16
CA MET A 160 13.55 1.06 5.57
CA MET A 160 13.55 1.03 5.56
C MET A 160 14.86 0.60 6.19
C MET A 160 14.85 0.58 6.19
N ASP A 161 14.88 0.44 7.51
CA ASP A 161 16.11 0.05 8.18
C ASP A 161 16.58 -1.32 7.71
N ILE A 162 15.65 -2.27 7.58
CA ILE A 162 16.01 -3.59 7.10
C ILE A 162 16.46 -3.52 5.64
N SER A 163 15.70 -2.80 4.81
CA SER A 163 15.99 -2.77 3.38
C SER A 163 17.37 -2.17 3.10
N LYS A 164 17.77 -1.15 3.85
CA LYS A 164 19.06 -0.53 3.62
C LYS A 164 20.20 -1.47 4.03
N LYS A 165 19.99 -2.29 5.05
CA LYS A 165 21.01 -3.23 5.49
C LYS A 165 21.11 -4.47 4.61
N GLU A 166 19.98 -4.95 4.06
CA GLU A 166 19.90 -6.30 3.53
C GLU A 166 19.64 -6.38 2.04
N MET A 167 19.34 -5.28 1.36
N MET A 167 19.27 -5.29 1.38
CA MET A 167 18.94 -5.35 -0.04
CA MET A 167 18.94 -5.30 -0.03
C MET A 167 19.65 -4.28 -0.87
C MET A 167 19.81 -4.33 -0.81
N PRO A 168 20.04 -4.60 -2.10
CA PRO A 168 20.71 -3.61 -2.95
C PRO A 168 19.79 -2.45 -3.25
N PRO A 169 20.36 -1.28 -3.60
CA PRO A 169 19.52 -0.10 -3.82
C PRO A 169 18.59 -0.21 -5.01
N THR A 170 18.80 -1.18 -5.90
CA THR A 170 17.91 -1.38 -7.03
C THR A 170 16.82 -2.42 -6.77
N ASN A 171 16.80 -3.05 -5.61
CA ASN A 171 15.80 -4.09 -5.37
C ASN A 171 14.40 -3.48 -5.49
N PRO A 172 13.49 -4.08 -6.28
CA PRO A 172 12.18 -3.46 -6.48
C PRO A 172 11.38 -3.27 -5.19
N ILE A 173 11.51 -4.17 -4.22
CA ILE A 173 10.80 -3.98 -2.95
C ILE A 173 11.35 -2.76 -2.23
N ARG A 174 12.68 -2.65 -2.14
CA ARG A 174 13.30 -1.49 -1.53
C ARG A 174 12.87 -0.20 -2.22
N LEU A 175 12.84 -0.21 -3.57
CA LEU A 175 12.44 0.98 -4.31
C LEU A 175 10.98 1.33 -4.05
N GLY A 176 10.10 0.33 -4.08
CA GLY A 176 8.68 0.61 -3.89
C GLY A 176 8.38 1.08 -2.49
N LEU A 177 9.11 0.54 -1.51
CA LEU A 177 8.98 1.02 -0.13
C LEU A 177 9.37 2.48 -0.04
N ALA A 178 10.53 2.85 -0.62
CA ALA A 178 10.98 4.23 -0.54
C ALA A 178 10.01 5.16 -1.25
N LEU A 179 9.48 4.72 -2.40
CA LEU A 179 8.47 5.49 -3.12
C LEU A 179 7.26 5.76 -2.21
N ASN A 180 6.74 4.71 -1.58
CA ASN A 180 5.53 4.90 -0.78
C ASN A 180 5.81 5.69 0.50
N PHE A 181 6.99 5.52 1.09
CA PHE A 181 7.32 6.32 2.27
C PHE A 181 7.46 7.78 1.89
N SER A 182 7.99 8.06 0.70
N SER A 182 8.01 8.07 0.70
CA SER A 182 8.09 9.43 0.23
CA SER A 182 8.07 9.46 0.26
C SER A 182 6.70 10.04 0.03
C SER A 182 6.67 10.04 0.07
N VAL A 183 5.74 9.24 -0.47
CA VAL A 183 4.36 9.71 -0.60
C VAL A 183 3.76 9.97 0.77
N PHE A 184 4.00 9.07 1.73
CA PHE A 184 3.60 9.32 3.11
C PHE A 184 4.09 10.67 3.61
N HIS A 185 5.39 10.97 3.41
CA HIS A 185 5.92 12.25 3.89
C HIS A 185 5.20 13.42 3.24
N TYR A 186 4.93 13.32 1.94
CA TYR A 186 4.35 14.45 1.21
C TYR A 186 2.87 14.63 1.51
N GLU A 187 2.11 13.53 1.50
CA GLU A 187 0.66 13.59 1.50
C GLU A 187 0.06 13.45 2.90
N ILE A 188 0.77 12.83 3.84
CA ILE A 188 0.24 12.52 5.16
C ILE A 188 0.93 13.35 6.24
N ALA A 189 2.26 13.37 6.23
CA ALA A 189 3.04 13.93 7.32
C ALA A 189 3.40 15.39 7.13
N ASN A 190 2.90 16.05 6.10
CA ASN A 190 3.17 17.48 5.89
C ASN A 190 4.68 17.75 5.85
N SER A 191 5.43 16.86 5.21
CA SER A 191 6.90 16.95 5.16
C SER A 191 7.37 16.86 3.72
N PRO A 192 7.02 17.85 2.89
CA PRO A 192 7.41 17.76 1.47
C PRO A 192 8.92 17.72 1.25
N GLU A 193 9.71 18.41 2.07
CA GLU A 193 11.17 18.38 1.90
C GLU A 193 11.72 16.99 2.18
N GLU A 194 11.21 16.30 3.20
CA GLU A 194 11.62 14.93 3.47
C GLU A 194 11.24 14.02 2.31
N ALA A 195 10.04 14.22 1.76
CA ALA A 195 9.60 13.42 0.61
C ALA A 195 10.53 13.59 -0.57
N ILE A 196 10.89 14.83 -0.88
CA ILE A 196 11.77 15.11 -2.01
C ILE A 196 13.16 14.53 -1.78
N SER A 197 13.70 14.73 -0.57
N SER A 197 13.70 14.72 -0.57
CA SER A 197 15.04 14.20 -0.27
CA SER A 197 15.03 14.20 -0.27
C SER A 197 15.07 12.69 -0.38
C SER A 197 15.06 12.69 -0.39
N LEU A 198 14.05 12.02 0.15
CA LEU A 198 14.02 10.56 0.08
C LEU A 198 13.93 10.08 -1.36
N ALA A 199 13.05 10.69 -2.15
CA ALA A 199 12.92 10.28 -3.54
C ALA A 199 14.20 10.49 -4.33
N LYS A 200 14.84 11.64 -4.14
N LYS A 200 14.87 11.63 -4.11
CA LYS A 200 16.08 11.93 -4.87
CA LYS A 200 16.11 11.94 -4.82
C LYS A 200 17.19 10.98 -4.49
C LYS A 200 17.21 10.95 -4.46
N THR A 201 17.41 10.80 -3.18
N THR A 201 17.46 10.75 -3.17
CA THR A 201 18.45 9.89 -2.73
CA THR A 201 18.54 9.83 -2.78
C THR A 201 18.21 8.47 -3.22
C THR A 201 18.23 8.41 -3.22
N THR A 202 16.97 8.00 -3.14
CA THR A 202 16.63 6.66 -3.60
C THR A 202 16.91 6.51 -5.08
N PHE A 203 16.51 7.49 -5.87
CA PHE A 203 16.73 7.44 -7.32
C PHE A 203 18.21 7.40 -7.64
N ASP A 204 19.00 8.27 -7.00
CA ASP A 204 20.41 8.39 -7.34
C ASP A 204 21.18 7.14 -6.95
N GLU A 205 20.87 6.56 -5.79
CA GLU A 205 21.55 5.35 -5.38
C GLU A 205 21.18 4.16 -6.25
N ALA A 206 19.93 4.11 -6.72
CA ALA A 206 19.57 3.05 -7.66
C ALA A 206 20.29 3.23 -8.99
N MET A 207 20.34 4.46 -9.49
N MET A 207 20.31 4.47 -9.51
CA MET A 207 21.00 4.73 -10.76
CA MET A 207 21.03 4.77 -10.75
C MET A 207 22.44 4.21 -10.77
C MET A 207 22.42 4.17 -10.74
N ALA A 208 23.17 4.42 -9.67
CA ALA A 208 24.56 4.00 -9.56
C ALA A 208 24.74 2.49 -9.45
N ASP A 209 23.67 1.73 -9.23
CA ASP A 209 23.77 0.28 -9.07
C ASP A 209 23.16 -0.46 -10.27
N LEU A 210 22.59 0.27 -11.24
CA LEU A 210 21.99 -0.39 -12.41
C LEU A 210 23.00 -1.21 -13.19
N HIS A 211 24.29 -0.84 -13.17
CA HIS A 211 25.29 -1.52 -13.98
C HIS A 211 25.48 -2.96 -13.57
N THR A 212 25.01 -3.33 -12.37
CA THR A 212 25.16 -4.69 -11.86
C THR A 212 24.07 -5.63 -12.35
N LEU A 213 23.04 -5.12 -13.02
CA LEU A 213 21.80 -5.86 -13.27
C LEU A 213 21.77 -6.47 -14.66
N SER A 214 21.05 -7.59 -14.77
CA SER A 214 20.65 -8.14 -16.04
C SER A 214 19.63 -7.23 -16.72
N GLU A 215 19.36 -7.51 -17.99
CA GLU A 215 18.39 -6.71 -18.74
C GLU A 215 17.02 -6.77 -18.09
N ASP A 216 16.60 -7.95 -17.61
CA ASP A 216 15.27 -8.08 -17.02
C ASP A 216 15.19 -7.35 -15.68
N SER A 217 16.23 -7.48 -14.84
CA SER A 217 16.24 -6.76 -13.57
C SER A 217 16.31 -5.25 -13.79
N TYR A 218 17.07 -4.82 -14.79
CA TYR A 218 17.12 -3.41 -15.13
C TYR A 218 15.74 -2.88 -15.48
N LYS A 219 14.96 -3.63 -16.25
CA LYS A 219 13.60 -3.19 -16.57
C LYS A 219 12.75 -3.07 -15.32
N ASP A 220 12.84 -4.05 -14.41
CA ASP A 220 12.05 -4.02 -13.18
C ASP A 220 12.39 -2.77 -12.36
N SER A 221 13.68 -2.48 -12.20
CA SER A 221 14.09 -1.37 -11.33
C SER A 221 13.78 -0.03 -11.96
N THR A 222 14.07 0.14 -13.25
CA THR A 222 13.84 1.44 -13.88
C THR A 222 12.36 1.79 -13.93
N LEU A 223 11.47 0.81 -13.98
CA LEU A 223 10.04 1.12 -13.95
C LEU A 223 9.67 1.85 -12.67
N ILE A 224 10.18 1.39 -11.53
CA ILE A 224 9.85 2.04 -10.26
C ILE A 224 10.60 3.37 -10.14
N MET A 225 11.84 3.42 -10.61
CA MET A 225 12.58 4.68 -10.63
C MET A 225 11.82 5.77 -11.37
N GLN A 226 11.11 5.39 -12.44
CA GLN A 226 10.37 6.38 -13.20
C GLN A 226 9.25 6.99 -12.37
N LEU A 227 8.64 6.19 -11.49
CA LEU A 227 7.63 6.74 -10.58
C LEU A 227 8.23 7.74 -9.61
N LEU A 228 9.44 7.45 -9.09
CA LEU A 228 10.12 8.43 -8.26
C LEU A 228 10.39 9.71 -9.03
N ARG A 229 10.84 9.59 -10.28
CA ARG A 229 11.09 10.75 -11.11
C ARG A 229 9.80 11.52 -11.39
N ASP A 230 8.71 10.81 -11.68
CA ASP A 230 7.42 11.46 -11.91
C ASP A 230 7.02 12.29 -10.71
N ASN A 231 7.18 11.74 -9.50
CA ASN A 231 6.83 12.50 -8.31
C ASN A 231 7.75 13.71 -8.12
N LEU A 232 9.06 13.54 -8.32
CA LEU A 232 9.96 14.67 -8.18
C LEU A 232 9.61 15.78 -9.16
N THR A 233 9.18 15.44 -10.37
CA THR A 233 8.73 16.44 -11.33
C THR A 233 7.46 17.14 -10.84
N LEU A 234 6.53 16.38 -10.25
CA LEU A 234 5.32 16.98 -9.69
C LEU A 234 5.64 17.91 -8.52
N TRP A 235 6.65 17.55 -7.71
CA TRP A 235 6.89 18.20 -6.43
C TRP A 235 7.87 19.35 -6.51
N THR A 236 8.65 19.44 -7.57
CA THR A 236 9.66 20.48 -7.69
C THR A 236 9.46 21.32 -8.94
N LYS B 7 -2.56 13.91 -6.69
CA LYS B 7 -2.18 12.65 -6.06
C LYS B 7 -0.83 12.21 -6.62
N ALA B 8 0.13 11.95 -5.73
CA ALA B 8 1.42 11.42 -6.16
C ALA B 8 1.28 9.94 -6.47
N LYS B 9 2.16 9.45 -7.34
CA LYS B 9 2.11 8.05 -7.69
C LYS B 9 2.70 7.24 -6.56
N SEP B 10 1.96 6.26 -6.08
CA SEP B 10 2.55 5.29 -5.17
CB SEP B 10 1.63 5.02 -3.97
OG SEP B 10 0.36 4.63 -4.48
C SEP B 10 2.78 4.04 -6.00
O SEP B 10 2.52 4.02 -7.20
P SEP B 10 -0.77 4.46 -3.36
O1P SEP B 10 -2.02 3.92 -4.18
O2P SEP B 10 -0.32 3.39 -2.29
O3P SEP B 10 -1.08 5.84 -2.69
N CYS B 11 3.28 2.99 -5.36
N CYS B 11 3.30 2.99 -5.33
CA CYS B 11 3.79 1.86 -6.09
CA CYS B 11 3.56 1.71 -5.95
C CYS B 11 2.63 1.08 -6.72
C CYS B 11 2.41 1.27 -6.82
N THR B 12 2.72 0.86 -8.04
CA THR B 12 1.67 0.30 -8.86
C THR B 12 1.49 -1.20 -8.66
MG MG C . 20.53 -9.37 0.55
MG MG D . 9.85 -17.80 8.55
MG MG E . -4.95 -29.05 2.97
CL CL F . -15.37 -20.89 -6.11
MG MG G . -31.84 15.20 1.39
#